data_7KKP
#
_entry.id   7KKP
#
_cell.length_a   43.370
_cell.length_b   74.080
_cell.length_c   151.760
_cell.angle_alpha   90.000
_cell.angle_beta   90.000
_cell.angle_gamma   90.000
#
_symmetry.space_group_name_H-M   'P 21 21 21'
#
loop_
_entity.id
_entity.type
_entity.pdbx_description
1 polymer 'Poly [ADP-ribose] polymerase'
2 non-polymer 'ZINC ION'
3 non-polymer 2-{4-[(3S)-piperidin-3-yl]phenyl}-2H-indazole-7-carboxamide
4 non-polymer 'SULFATE ION'
5 water water
#
_entity_poly.entity_id   1
_entity_poly.type   'polypeptide(L)'
_entity_poly.pdbx_seq_one_letter_code
;GSQGTILLDLAPEDKEYQSVEEEMQSTIREHRDGGNAGGIFNRYNVIRIQKVVNKKLRERFCHRQKEVSEENHNHHNERM
LFHGSPFINAIIHKGFDERHAYIGGMFGAGIYFAENSSKSNQYVYGIGGGTGCPTHKDRSCYICHRQMLFCRVTLGKSFL
QFSTMKMAHAPPGHHSVIGRPSVNGLAYAEYVIYRGEQAYPEYLITYQIMKPE
;
_entity_poly.pdbx_strand_id   A,B
#
# COMPACT_ATOMS: atom_id res chain seq x y z
N GLY A 4 -10.45 -18.43 -12.60
CA GLY A 4 -10.75 -17.03 -12.35
C GLY A 4 -11.98 -16.86 -11.47
N THR A 5 -12.77 -15.80 -11.72
CA THR A 5 -13.98 -15.55 -10.93
C THR A 5 -15.15 -16.30 -11.50
N ILE A 6 -15.90 -16.98 -10.62
CA ILE A 6 -17.16 -17.62 -10.94
C ILE A 6 -18.24 -16.90 -10.10
N LEU A 7 -19.38 -16.55 -10.72
CA LEU A 7 -20.48 -15.96 -9.94
C LEU A 7 -21.49 -17.08 -9.63
N LEU A 8 -21.78 -17.29 -8.32
CA LEU A 8 -22.72 -18.33 -7.88
C LEU A 8 -24.01 -17.69 -7.45
N ASP A 9 -25.12 -18.01 -8.14
CA ASP A 9 -26.39 -17.41 -7.75
C ASP A 9 -26.85 -17.99 -6.45
N LEU A 10 -27.39 -17.12 -5.60
CA LEU A 10 -28.07 -17.54 -4.39
C LEU A 10 -29.55 -17.61 -4.75
N ALA A 11 -30.24 -18.62 -4.26
CA ALA A 11 -31.67 -18.73 -4.49
C ALA A 11 -32.44 -17.89 -3.45
N PRO A 12 -33.62 -17.30 -3.78
CA PRO A 12 -34.36 -16.49 -2.78
C PRO A 12 -34.74 -17.22 -1.48
N GLU A 13 -34.89 -18.56 -1.54
CA GLU A 13 -35.25 -19.36 -0.36
C GLU A 13 -34.11 -19.57 0.63
N ASP A 14 -32.89 -19.27 0.20
CA ASP A 14 -31.67 -19.45 0.97
C ASP A 14 -31.60 -18.38 2.03
N LYS A 15 -31.40 -18.79 3.30
CA LYS A 15 -31.28 -17.86 4.42
C LYS A 15 -30.16 -16.82 4.19
N GLU A 16 -29.11 -17.19 3.44
CA GLU A 16 -27.99 -16.31 3.11
C GLU A 16 -28.46 -15.20 2.17
N TYR A 17 -29.31 -15.54 1.19
CA TYR A 17 -29.87 -14.52 0.28
C TYR A 17 -30.70 -13.57 1.12
N GLN A 18 -31.56 -14.13 1.99
CA GLN A 18 -32.45 -13.37 2.85
C GLN A 18 -31.72 -12.42 3.78
N SER A 19 -30.59 -12.88 4.36
N SER A 19 -30.60 -12.86 4.40
CA SER A 19 -29.76 -12.08 5.26
CA SER A 19 -29.85 -12.00 5.30
C SER A 19 -29.20 -10.85 4.54
C SER A 19 -29.19 -10.82 4.54
N VAL A 20 -28.67 -11.06 3.31
CA VAL A 20 -28.06 -9.98 2.49
C VAL A 20 -29.13 -8.99 2.10
N GLU A 21 -30.27 -9.50 1.58
CA GLU A 21 -31.35 -8.54 1.23
C GLU A 21 -31.82 -7.72 2.45
N GLU A 22 -31.96 -8.38 3.62
CA GLU A 22 -32.44 -7.71 4.82
C GLU A 22 -31.45 -6.62 5.26
N GLU A 23 -30.12 -6.90 5.18
CA GLU A 23 -29.15 -5.88 5.53
C GLU A 23 -29.23 -4.70 4.57
N MET A 24 -29.45 -4.98 3.30
CA MET A 24 -29.56 -3.94 2.29
C MET A 24 -30.81 -3.08 2.50
N GLN A 25 -31.99 -3.72 2.65
CA GLN A 25 -33.22 -2.98 2.76
C GLN A 25 -33.33 -2.19 4.06
N SER A 26 -32.80 -2.76 5.16
CA SER A 26 -32.93 -2.14 6.45
C SER A 26 -31.98 -0.97 6.71
N THR A 27 -30.98 -0.76 5.83
CA THR A 27 -30.01 0.31 6.03
C THR A 27 -30.21 1.47 5.08
N ILE A 28 -31.41 1.59 4.50
CA ILE A 28 -31.73 2.74 3.69
C ILE A 28 -31.98 3.92 4.61
N ARG A 29 -31.35 5.05 4.28
CA ARG A 29 -31.61 6.26 5.04
C ARG A 29 -31.77 7.45 4.10
N GLU A 30 -32.32 8.53 4.61
CA GLU A 30 -32.49 9.78 3.89
C GLU A 30 -31.12 10.46 3.90
N HIS A 31 -30.70 10.94 2.75
CA HIS A 31 -29.41 11.60 2.64
C HIS A 31 -29.52 13.12 2.58
N ARG A 32 -28.47 13.81 3.01
CA ARG A 32 -28.36 15.27 3.08
C ARG A 32 -28.60 15.97 1.75
N ASP A 33 -28.29 15.28 0.61
CA ASP A 33 -28.46 15.84 -0.71
C ASP A 33 -29.89 15.76 -1.28
N GLY A 34 -30.85 15.38 -0.44
CA GLY A 34 -32.26 15.30 -0.83
C GLY A 34 -32.57 14.25 -1.89
N GLY A 35 -31.64 13.32 -2.12
CA GLY A 35 -31.79 12.27 -3.11
C GLY A 35 -31.10 12.55 -4.41
N ASN A 36 -30.39 13.71 -4.49
CA ASN A 36 -29.72 14.08 -5.74
C ASN A 36 -28.82 12.98 -6.31
N ALA A 37 -27.91 12.43 -5.47
CA ALA A 37 -26.95 11.49 -6.00
C ALA A 37 -27.50 10.10 -6.33
N GLY A 38 -28.30 9.57 -5.43
CA GLY A 38 -28.73 8.16 -5.55
C GLY A 38 -30.17 7.94 -5.95
N GLY A 39 -30.97 9.01 -5.95
CA GLY A 39 -32.37 8.89 -6.29
C GLY A 39 -33.32 8.95 -5.11
N ILE A 40 -34.64 8.98 -5.41
N ILE A 40 -34.63 8.95 -5.43
CA ILE A 40 -35.71 9.02 -4.40
CA ILE A 40 -35.75 9.01 -4.49
C ILE A 40 -36.41 7.66 -4.34
C ILE A 40 -36.40 7.63 -4.38
N PHE A 41 -36.34 7.01 -3.19
CA PHE A 41 -36.92 5.68 -2.98
C PHE A 41 -37.00 5.38 -1.48
N ASN A 42 -37.88 4.42 -1.12
CA ASN A 42 -38.04 3.92 0.25
C ASN A 42 -37.57 2.47 0.34
N ARG A 43 -37.46 1.79 -0.81
CA ARG A 43 -37.03 0.39 -0.85
C ARG A 43 -36.37 0.05 -2.21
N TYR A 44 -35.71 -1.12 -2.29
CA TYR A 44 -35.17 -1.61 -3.56
C TYR A 44 -36.01 -2.77 -4.03
N ASN A 45 -35.85 -3.11 -5.32
CA ASN A 45 -36.32 -4.38 -5.89
C ASN A 45 -34.99 -5.15 -6.06
N VAL A 46 -34.70 -6.12 -5.18
CA VAL A 46 -33.49 -6.95 -5.25
C VAL A 46 -33.82 -8.09 -6.18
N ILE A 47 -33.14 -8.13 -7.32
CA ILE A 47 -33.48 -9.08 -8.39
C ILE A 47 -32.44 -10.16 -8.61
N ARG A 48 -31.26 -10.05 -7.97
CA ARG A 48 -30.26 -11.12 -8.06
C ARG A 48 -29.22 -10.91 -6.95
N ILE A 49 -28.71 -12.03 -6.37
CA ILE A 49 -27.62 -11.97 -5.40
C ILE A 49 -26.67 -13.09 -5.81
N GLN A 50 -25.44 -12.72 -6.19
CA GLN A 50 -24.43 -13.71 -6.56
C GLN A 50 -23.27 -13.65 -5.62
N LYS A 51 -22.67 -14.81 -5.33
CA LYS A 51 -21.43 -14.87 -4.55
C LYS A 51 -20.28 -14.88 -5.53
N VAL A 52 -19.25 -14.08 -5.21
CA VAL A 52 -18.06 -13.95 -6.05
C VAL A 52 -17.09 -15.00 -5.52
N VAL A 53 -16.74 -15.98 -6.38
CA VAL A 53 -15.89 -17.11 -6.01
C VAL A 53 -14.62 -17.01 -6.84
N ASN A 54 -13.49 -16.74 -6.16
CA ASN A 54 -12.19 -16.60 -6.82
C ASN A 54 -11.16 -17.04 -5.80
N LYS A 55 -10.60 -18.24 -5.98
CA LYS A 55 -9.60 -18.82 -5.09
C LYS A 55 -8.37 -17.90 -4.91
N LYS A 56 -7.84 -17.31 -6.00
CA LYS A 56 -6.66 -16.44 -5.95
C LYS A 56 -6.93 -15.19 -5.10
N LEU A 57 -8.08 -14.54 -5.34
CA LEU A 57 -8.50 -13.33 -4.62
C LEU A 57 -8.77 -13.63 -3.15
N ARG A 58 -9.39 -14.80 -2.87
CA ARG A 58 -9.65 -15.24 -1.51
C ARG A 58 -8.33 -15.48 -0.77
N GLU A 59 -7.35 -16.14 -1.45
CA GLU A 59 -6.04 -16.42 -0.81
C GLU A 59 -5.33 -15.09 -0.43
N ARG A 60 -5.39 -14.11 -1.33
CA ARG A 60 -4.75 -12.79 -1.09
C ARG A 60 -5.39 -12.10 0.12
N PHE A 61 -6.74 -12.20 0.20
CA PHE A 61 -7.48 -11.62 1.30
C PHE A 61 -7.13 -12.31 2.63
N CYS A 62 -7.13 -13.66 2.66
N CYS A 62 -7.13 -13.64 2.60
CA CYS A 62 -6.81 -14.37 3.90
CA CYS A 62 -6.81 -14.51 3.73
C CYS A 62 -5.38 -14.15 4.36
C CYS A 62 -5.42 -14.22 4.30
N HIS A 63 -4.44 -14.08 3.40
CA HIS A 63 -3.01 -13.82 3.71
C HIS A 63 -2.89 -12.46 4.41
N ARG A 64 -3.61 -11.44 3.91
CA ARG A 64 -3.60 -10.14 4.56
C ARG A 64 -4.27 -10.17 5.94
N GLN A 65 -5.40 -10.93 6.09
CA GLN A 65 -6.06 -11.06 7.39
C GLN A 65 -5.08 -11.60 8.42
N LYS A 66 -4.24 -12.57 8.03
CA LYS A 66 -3.23 -13.13 8.93
C LYS A 66 -2.19 -12.06 9.33
N GLU A 67 -1.70 -11.28 8.36
CA GLU A 67 -0.76 -10.15 8.61
C GLU A 67 -1.37 -9.15 9.63
N VAL A 68 -2.64 -8.73 9.40
CA VAL A 68 -3.36 -7.82 10.28
C VAL A 68 -3.59 -8.38 11.71
N SER A 69 -4.12 -9.63 11.85
CA SER A 69 -4.41 -10.22 13.18
C SER A 69 -3.24 -10.17 14.15
N GLU A 70 -2.03 -10.45 13.64
CA GLU A 70 -0.76 -10.39 14.39
C GLU A 70 -0.48 -8.99 14.99
N GLU A 71 -1.06 -7.92 14.40
CA GLU A 71 -0.85 -6.52 14.80
C GLU A 71 -2.06 -5.94 15.54
N ASN A 72 -3.14 -6.71 15.62
CA ASN A 72 -4.37 -6.27 16.30
C ASN A 72 -4.76 -7.29 17.38
N HIS A 73 -3.70 -7.88 17.98
CA HIS A 73 -3.73 -8.85 19.08
C HIS A 73 -4.68 -10.03 18.80
N ASN A 74 -4.34 -10.76 17.71
CA ASN A 74 -4.99 -11.97 17.17
C ASN A 74 -6.42 -11.73 16.66
N HIS A 75 -6.78 -10.46 16.35
CA HIS A 75 -8.10 -10.15 15.81
C HIS A 75 -7.99 -9.42 14.48
N HIS A 76 -8.66 -9.90 13.43
CA HIS A 76 -8.58 -9.16 12.18
C HIS A 76 -9.70 -8.10 12.06
N ASN A 77 -10.69 -8.11 12.98
CA ASN A 77 -11.77 -7.12 13.07
C ASN A 77 -12.46 -6.91 11.70
N GLU A 78 -13.13 -7.95 11.25
CA GLU A 78 -13.83 -7.92 9.96
C GLU A 78 -15.25 -7.39 10.14
N ARG A 79 -15.69 -6.55 9.19
CA ARG A 79 -17.05 -6.03 9.16
C ARG A 79 -17.62 -6.20 7.76
N MET A 80 -18.94 -6.46 7.65
CA MET A 80 -19.62 -6.57 6.37
C MET A 80 -20.10 -5.16 6.03
N LEU A 81 -19.67 -4.63 4.90
CA LEU A 81 -20.02 -3.25 4.53
C LEU A 81 -20.30 -3.14 3.03
N PHE A 82 -21.06 -2.12 2.65
CA PHE A 82 -21.39 -1.97 1.23
C PHE A 82 -20.38 -1.11 0.50
N HIS A 83 -20.33 -1.32 -0.83
CA HIS A 83 -19.50 -0.53 -1.72
C HIS A 83 -20.19 -0.37 -3.06
N GLY A 84 -20.32 0.88 -3.50
CA GLY A 84 -20.86 1.20 -4.81
C GLY A 84 -19.74 1.73 -5.69
N SER A 85 -19.76 1.36 -6.98
CA SER A 85 -18.72 1.81 -7.89
C SER A 85 -19.08 1.58 -9.34
N PRO A 86 -18.72 2.51 -10.25
CA PRO A 86 -18.91 2.23 -11.69
C PRO A 86 -17.95 1.13 -12.19
N PHE A 87 -16.96 0.74 -11.36
CA PHE A 87 -15.91 -0.24 -11.76
C PHE A 87 -16.06 -1.61 -11.13
N ILE A 88 -17.30 -1.95 -10.83
CA ILE A 88 -17.62 -3.20 -10.17
C ILE A 88 -17.13 -4.43 -11.00
N ASN A 89 -17.12 -4.36 -12.36
CA ASN A 89 -16.61 -5.48 -13.16
C ASN A 89 -15.12 -5.75 -12.90
N ALA A 90 -14.28 -4.69 -12.85
CA ALA A 90 -12.85 -4.84 -12.52
C ALA A 90 -12.68 -5.43 -11.11
N ILE A 91 -13.46 -4.95 -10.12
CA ILE A 91 -13.36 -5.42 -8.72
C ILE A 91 -13.64 -6.92 -8.58
N ILE A 92 -14.72 -7.43 -9.19
CA ILE A 92 -15.07 -8.83 -9.05
C ILE A 92 -14.09 -9.73 -9.79
N HIS A 93 -13.37 -9.21 -10.79
CA HIS A 93 -12.40 -10.04 -11.52
C HIS A 93 -10.98 -9.93 -11.00
N LYS A 94 -10.54 -8.73 -10.59
CA LYS A 94 -9.16 -8.48 -10.16
C LYS A 94 -8.99 -8.12 -8.67
N GLY A 95 -10.11 -7.93 -8.00
CA GLY A 95 -10.13 -7.55 -6.59
C GLY A 95 -10.09 -6.04 -6.44
N PHE A 96 -10.25 -5.55 -5.20
CA PHE A 96 -10.11 -4.12 -4.98
C PHE A 96 -8.67 -3.70 -5.25
N ASP A 97 -8.49 -2.49 -5.73
CA ASP A 97 -7.17 -1.98 -6.05
C ASP A 97 -7.05 -0.54 -5.60
N GLU A 98 -6.22 -0.30 -4.56
CA GLU A 98 -6.00 1.03 -4.03
C GLU A 98 -5.26 1.97 -4.99
N ARG A 99 -4.64 1.43 -6.06
CA ARG A 99 -3.93 2.29 -7.03
C ARG A 99 -4.88 3.22 -7.79
N HIS A 100 -6.19 2.91 -7.82
CA HIS A 100 -7.15 3.83 -8.43
C HIS A 100 -7.53 5.00 -7.50
N ALA A 101 -7.08 4.93 -6.22
CA ALA A 101 -7.32 5.95 -5.21
C ALA A 101 -6.07 6.83 -5.09
N TYR A 102 -6.26 8.11 -5.36
CA TYR A 102 -5.21 9.11 -5.33
C TYR A 102 -5.35 10.03 -4.13
N ILE A 103 -4.25 10.74 -3.78
CA ILE A 103 -4.27 11.72 -2.70
C ILE A 103 -5.37 12.73 -3.08
N GLY A 104 -6.44 12.66 -2.31
CA GLY A 104 -7.66 13.40 -2.47
C GLY A 104 -8.69 12.69 -1.61
N GLY A 105 -9.97 12.98 -1.80
CA GLY A 105 -10.99 12.34 -0.98
C GLY A 105 -10.97 12.89 0.43
N MET A 106 -12.08 12.76 1.13
CA MET A 106 -12.20 13.29 2.48
C MET A 106 -11.20 12.65 3.44
N PHE A 107 -10.88 11.37 3.21
CA PHE A 107 -10.01 10.63 4.11
C PHE A 107 -8.80 10.01 3.42
N GLY A 108 -8.41 10.62 2.31
CA GLY A 108 -7.22 10.22 1.57
C GLY A 108 -7.41 9.11 0.55
N ALA A 109 -6.27 8.55 0.12
CA ALA A 109 -6.11 7.59 -0.95
C ALA A 109 -6.48 6.16 -0.56
N GLY A 110 -7.72 6.01 -0.13
CA GLY A 110 -8.23 4.71 0.26
C GLY A 110 -9.46 4.29 -0.52
N ILE A 111 -10.00 3.13 -0.13
CA ILE A 111 -11.23 2.58 -0.70
C ILE A 111 -12.27 2.70 0.41
N TYR A 112 -13.45 3.26 0.07
CA TYR A 112 -14.43 3.63 1.07
C TYR A 112 -15.62 2.74 1.07
N PHE A 113 -16.11 2.43 2.28
CA PHE A 113 -17.23 1.52 2.51
C PHE A 113 -18.23 2.13 3.48
N ALA A 114 -19.50 1.71 3.36
CA ALA A 114 -20.57 2.24 4.20
C ALA A 114 -21.35 1.15 4.90
N GLU A 115 -21.93 1.49 6.06
CA GLU A 115 -22.84 0.56 6.75
C GLU A 115 -24.21 0.65 6.04
N ASN A 116 -24.55 1.84 5.49
CA ASN A 116 -25.86 2.05 4.82
C ASN A 116 -25.79 1.75 3.32
N SER A 117 -26.63 0.83 2.85
CA SER A 117 -26.64 0.51 1.42
C SER A 117 -27.01 1.77 0.60
N SER A 118 -27.89 2.64 1.14
CA SER A 118 -28.26 3.84 0.41
C SER A 118 -27.08 4.80 0.24
N LYS A 119 -26.10 4.77 1.16
CA LYS A 119 -24.91 5.60 0.94
C LYS A 119 -24.12 5.05 -0.26
N SER A 120 -23.89 3.73 -0.29
CA SER A 120 -23.19 3.14 -1.44
C SER A 120 -23.94 3.33 -2.75
N ASN A 121 -25.29 3.37 -2.69
CA ASN A 121 -26.09 3.58 -3.90
C ASN A 121 -25.79 4.97 -4.52
N GLN A 122 -25.30 5.93 -3.75
CA GLN A 122 -24.95 7.26 -4.27
C GLN A 122 -23.70 7.22 -5.18
N TYR A 123 -22.93 6.11 -5.13
CA TYR A 123 -21.66 6.02 -5.87
C TYR A 123 -21.68 5.03 -7.01
N VAL A 124 -22.79 4.32 -7.18
CA VAL A 124 -22.92 3.31 -8.23
C VAL A 124 -22.66 3.92 -9.62
N TYR A 125 -23.16 5.14 -9.88
CA TYR A 125 -22.97 5.75 -11.19
C TYR A 125 -21.85 6.82 -11.24
N GLY A 126 -21.11 6.93 -10.16
CA GLY A 126 -20.00 7.87 -10.04
C GLY A 126 -20.08 8.73 -8.81
N ILE A 127 -19.11 9.64 -8.63
CA ILE A 127 -19.11 10.56 -7.49
C ILE A 127 -20.35 11.48 -7.65
N GLY A 128 -21.11 11.65 -6.57
CA GLY A 128 -22.35 12.43 -6.62
C GLY A 128 -23.39 11.80 -7.53
N GLY A 129 -23.24 10.50 -7.82
CA GLY A 129 -24.13 9.81 -8.77
C GLY A 129 -23.79 10.05 -10.23
N GLY A 130 -22.71 10.79 -10.49
CA GLY A 130 -22.31 11.09 -11.87
C GLY A 130 -23.44 11.76 -12.64
N THR A 131 -23.71 11.24 -13.87
CA THR A 131 -24.82 11.67 -14.71
C THR A 131 -25.93 10.62 -14.70
N GLY A 132 -25.96 9.76 -13.66
CA GLY A 132 -26.98 8.72 -13.57
C GLY A 132 -26.76 7.54 -14.49
N CYS A 133 -27.84 6.85 -14.83
CA CYS A 133 -27.76 5.65 -15.64
C CYS A 133 -27.25 5.99 -17.04
N PRO A 134 -26.54 5.06 -17.71
CA PRO A 134 -26.05 5.34 -19.07
C PRO A 134 -27.16 5.64 -20.11
N THR A 135 -28.31 4.95 -20.02
CA THR A 135 -29.38 5.09 -21.01
C THR A 135 -30.19 6.39 -20.91
N HIS A 136 -30.63 6.76 -19.70
CA HIS A 136 -31.51 7.91 -19.49
C HIS A 136 -30.84 9.12 -18.86
N LYS A 137 -29.60 8.96 -18.37
CA LYS A 137 -28.83 10.00 -17.68
C LYS A 137 -29.63 10.51 -16.46
N ASP A 138 -30.27 9.54 -15.78
CA ASP A 138 -31.16 9.83 -14.66
C ASP A 138 -30.63 9.23 -13.38
N ARG A 139 -30.21 10.10 -12.41
CA ARG A 139 -29.69 9.60 -11.14
C ARG A 139 -30.74 8.85 -10.33
N SER A 140 -32.03 9.13 -10.61
CA SER A 140 -33.12 8.47 -9.91
C SER A 140 -33.83 7.48 -10.81
N CYS A 141 -33.11 6.86 -11.78
CA CYS A 141 -33.74 5.93 -12.70
C CYS A 141 -34.31 4.74 -11.97
N TYR A 142 -35.60 4.42 -12.28
CA TYR A 142 -36.28 3.25 -11.72
C TYR A 142 -36.29 2.09 -12.70
N ILE A 143 -35.81 2.35 -13.94
CA ILE A 143 -35.83 1.33 -15.00
C ILE A 143 -34.55 0.49 -14.97
N CYS A 144 -33.42 1.16 -15.08
CA CYS A 144 -32.11 0.54 -15.23
C CYS A 144 -31.67 -0.23 -14.02
N HIS A 145 -31.03 -1.38 -14.26
CA HIS A 145 -30.58 -2.22 -13.16
C HIS A 145 -29.23 -1.74 -12.66
N ARG A 146 -29.12 -1.65 -11.34
CA ARG A 146 -27.91 -1.24 -10.67
C ARG A 146 -27.23 -2.42 -10.03
N GLN A 147 -25.95 -2.26 -9.66
CA GLN A 147 -25.27 -3.29 -8.89
C GLN A 147 -24.45 -2.65 -7.80
N MET A 148 -24.34 -3.33 -6.66
CA MET A 148 -23.44 -2.92 -5.60
C MET A 148 -22.85 -4.16 -4.96
N LEU A 149 -21.82 -3.95 -4.17
CA LEU A 149 -21.20 -5.07 -3.49
C LEU A 149 -21.48 -5.02 -2.00
N PHE A 150 -21.55 -6.18 -1.36
CA PHE A 150 -21.62 -6.32 0.09
C PHE A 150 -20.39 -7.14 0.43
N CYS A 151 -19.41 -6.50 1.07
CA CYS A 151 -18.03 -6.97 1.22
C CYS A 151 -17.60 -7.34 2.59
N ARG A 152 -16.66 -8.30 2.69
CA ARG A 152 -15.97 -8.57 3.95
C ARG A 152 -14.83 -7.55 4.00
N VAL A 153 -14.74 -6.75 5.06
CA VAL A 153 -13.69 -5.73 5.11
C VAL A 153 -12.84 -5.98 6.37
N THR A 154 -11.53 -6.16 6.18
CA THR A 154 -10.59 -6.36 7.27
C THR A 154 -10.21 -4.98 7.81
N LEU A 155 -10.76 -4.61 8.98
CA LEU A 155 -10.44 -3.29 9.54
C LEU A 155 -9.24 -3.27 10.48
N GLY A 156 -8.91 -4.43 11.05
CA GLY A 156 -7.83 -4.50 12.03
C GLY A 156 -7.99 -3.44 13.10
N LYS A 157 -6.88 -2.72 13.40
CA LYS A 157 -6.95 -1.64 14.35
C LYS A 157 -7.34 -0.35 13.62
N SER A 158 -8.56 0.13 13.90
CA SER A 158 -9.06 1.33 13.23
C SER A 158 -8.59 2.60 13.91
N PHE A 159 -8.31 3.63 13.10
CA PHE A 159 -7.97 4.95 13.58
C PHE A 159 -9.19 5.82 13.37
N LEU A 160 -9.66 6.52 14.42
CA LEU A 160 -10.82 7.38 14.31
C LEU A 160 -10.43 8.79 13.92
N GLN A 161 -11.02 9.27 12.84
CA GLN A 161 -10.73 10.59 12.29
C GLN A 161 -12.02 11.41 12.23
N PHE A 162 -11.98 12.68 12.68
CA PHE A 162 -13.17 13.53 12.74
C PHE A 162 -13.15 14.79 11.87
N SER A 163 -12.16 14.91 11.00
CA SER A 163 -12.00 16.05 10.10
C SER A 163 -11.34 15.55 8.84
N THR A 164 -11.41 16.32 7.75
CA THR A 164 -10.80 15.96 6.48
C THR A 164 -9.28 15.84 6.62
N MET A 165 -8.73 14.80 6.01
CA MET A 165 -7.29 14.62 5.92
C MET A 165 -7.01 13.98 4.55
N LYS A 166 -5.74 13.86 4.20
CA LYS A 166 -5.38 13.31 2.90
C LYS A 166 -4.34 12.22 3.09
N MET A 167 -4.59 11.28 4.01
CA MET A 167 -3.64 10.21 4.31
C MET A 167 -3.39 9.29 3.11
N ALA A 168 -2.15 8.82 2.97
CA ALA A 168 -1.74 7.88 1.93
C ALA A 168 -1.96 6.45 2.40
N HIS A 169 -1.78 6.22 3.72
CA HIS A 169 -1.85 4.91 4.33
C HIS A 169 -2.50 5.12 5.68
N ALA A 170 -2.89 4.03 6.35
CA ALA A 170 -3.41 4.14 7.70
C ALA A 170 -2.27 4.63 8.62
N PRO A 171 -2.57 5.29 9.76
CA PRO A 171 -1.50 5.73 10.67
C PRO A 171 -0.68 4.56 11.20
N PRO A 172 0.55 4.82 11.69
CA PRO A 172 1.37 3.71 12.23
C PRO A 172 0.60 2.83 13.20
N GLY A 173 0.77 1.52 13.07
CA GLY A 173 0.13 0.54 13.93
C GLY A 173 -1.36 0.33 13.73
N HIS A 174 -1.93 1.01 12.72
CA HIS A 174 -3.36 0.92 12.39
C HIS A 174 -3.53 0.32 10.98
N HIS A 175 -4.73 -0.15 10.67
CA HIS A 175 -5.02 -0.86 9.43
C HIS A 175 -6.20 -0.27 8.66
N SER A 176 -6.91 0.70 9.26
CA SER A 176 -8.05 1.36 8.61
C SER A 176 -8.31 2.66 9.30
N VAL A 177 -9.14 3.49 8.65
CA VAL A 177 -9.56 4.76 9.21
C VAL A 177 -11.08 4.73 9.23
N ILE A 178 -11.68 5.13 10.34
CA ILE A 178 -13.13 5.32 10.44
C ILE A 178 -13.28 6.82 10.49
N GLY A 179 -13.80 7.37 9.40
CA GLY A 179 -13.90 8.81 9.26
C GLY A 179 -15.30 9.32 9.47
N ARG A 180 -15.41 10.41 10.22
CA ARG A 180 -16.72 11.03 10.44
C ARG A 180 -16.70 12.44 9.86
N PRO A 181 -17.42 12.67 8.73
CA PRO A 181 -17.40 14.01 8.11
C PRO A 181 -17.99 15.09 9.00
N TYR A 188 -22.25 10.35 9.50
CA TYR A 188 -22.25 8.89 9.33
C TYR A 188 -20.87 8.38 8.96
N ALA A 189 -20.42 7.33 9.65
CA ALA A 189 -19.07 6.80 9.46
C ALA A 189 -18.77 6.32 8.05
N GLU A 190 -17.54 6.64 7.57
CA GLU A 190 -17.00 6.11 6.31
C GLU A 190 -15.81 5.24 6.71
N TYR A 191 -15.84 3.98 6.29
CA TYR A 191 -14.79 2.99 6.62
C TYR A 191 -13.79 2.95 5.48
N VAL A 192 -12.52 3.24 5.77
CA VAL A 192 -11.54 3.39 4.70
C VAL A 192 -10.37 2.46 4.92
N ILE A 193 -10.02 1.72 3.85
CA ILE A 193 -8.82 0.88 3.85
C ILE A 193 -7.87 1.39 2.78
N TYR A 194 -6.57 1.14 2.94
CA TYR A 194 -5.58 1.68 2.01
C TYR A 194 -4.85 0.59 1.24
N ARG A 195 -5.36 -0.67 1.32
CA ARG A 195 -4.81 -1.83 0.60
C ARG A 195 -6.02 -2.57 0.09
N GLY A 196 -6.05 -2.87 -1.20
CA GLY A 196 -7.19 -3.58 -1.79
C GLY A 196 -7.43 -4.96 -1.21
N GLU A 197 -6.37 -5.63 -0.75
CA GLU A 197 -6.50 -6.98 -0.19
C GLU A 197 -7.19 -7.01 1.18
N GLN A 198 -7.54 -5.83 1.75
CA GLN A 198 -8.31 -5.77 2.98
C GLN A 198 -9.83 -5.81 2.74
N ALA A 199 -10.25 -6.03 1.50
CA ALA A 199 -11.68 -6.20 1.24
C ALA A 199 -11.90 -7.32 0.27
N TYR A 200 -12.93 -8.13 0.52
CA TYR A 200 -13.28 -9.19 -0.41
C TYR A 200 -14.71 -8.90 -0.92
N PRO A 201 -14.92 -8.87 -2.25
CA PRO A 201 -16.27 -8.54 -2.78
C PRO A 201 -17.20 -9.78 -2.67
N GLU A 202 -17.64 -10.10 -1.47
CA GLU A 202 -18.40 -11.32 -1.17
C GLU A 202 -19.66 -11.51 -2.00
N TYR A 203 -20.50 -10.46 -2.08
CA TYR A 203 -21.78 -10.54 -2.78
C TYR A 203 -21.94 -9.43 -3.76
N LEU A 204 -22.44 -9.80 -4.94
CA LEU A 204 -22.74 -8.89 -6.01
C LEU A 204 -24.26 -8.85 -6.06
N ILE A 205 -24.82 -7.67 -5.76
CA ILE A 205 -26.26 -7.53 -5.70
C ILE A 205 -26.72 -6.76 -6.92
N THR A 206 -27.72 -7.31 -7.67
CA THR A 206 -28.38 -6.61 -8.78
C THR A 206 -29.73 -6.13 -8.26
N TYR A 207 -30.06 -4.85 -8.48
CA TYR A 207 -31.27 -4.30 -7.90
C TYR A 207 -31.73 -3.09 -8.68
N GLN A 208 -32.95 -2.67 -8.38
CA GLN A 208 -33.44 -1.36 -8.83
C GLN A 208 -33.84 -0.59 -7.59
N ILE A 209 -33.82 0.74 -7.68
CA ILE A 209 -34.51 1.53 -6.68
C ILE A 209 -35.99 1.50 -7.14
N MET A 210 -36.93 1.52 -6.17
CA MET A 210 -38.37 1.53 -6.52
C MET A 210 -39.03 2.87 -6.34
N LYS A 211 -40.02 3.14 -7.22
CA LYS A 211 -40.73 4.41 -7.11
C LYS A 211 -41.48 4.41 -5.78
N PRO A 212 -41.47 5.51 -5.01
CA PRO A 212 -42.25 5.56 -3.74
C PRO A 212 -43.74 5.31 -4.00
N GLU A 213 -44.40 4.62 -3.03
CA GLU A 213 -45.83 4.27 -3.09
C GLU A 213 -46.57 4.85 -1.89
N GLY B 4 11.11 -14.47 15.01
CA GLY B 4 11.76 -13.16 15.07
C GLY B 4 13.02 -13.08 14.21
N THR B 5 13.68 -11.91 14.24
CA THR B 5 14.88 -11.71 13.44
C THR B 5 16.13 -12.28 14.09
N ILE B 6 16.95 -12.96 13.28
CA ILE B 6 18.26 -13.45 13.69
C ILE B 6 19.25 -12.81 12.69
N LEU B 7 20.39 -12.31 13.19
CA LEU B 7 21.45 -11.71 12.35
C LEU B 7 22.60 -12.70 12.27
N LEU B 8 23.00 -13.01 11.04
CA LEU B 8 24.10 -13.97 10.83
C LEU B 8 25.32 -13.22 10.34
N ASP B 9 26.51 -13.56 10.83
CA ASP B 9 27.71 -12.86 10.38
C ASP B 9 28.34 -13.55 9.20
N LEU B 10 28.64 -12.78 8.15
CA LEU B 10 29.40 -13.26 7.02
C LEU B 10 30.88 -12.99 7.36
N ALA B 11 31.76 -13.84 6.88
CA ALA B 11 33.19 -13.67 7.13
C ALA B 11 33.85 -12.98 5.93
N PRO B 12 34.94 -12.18 6.08
CA PRO B 12 35.55 -11.53 4.91
C PRO B 12 36.05 -12.49 3.84
N GLU B 13 36.42 -13.72 4.25
CA GLU B 13 36.87 -14.77 3.34
C GLU B 13 35.74 -15.31 2.44
N ASP B 14 34.46 -15.00 2.78
CA ASP B 14 33.27 -15.46 2.07
C ASP B 14 33.05 -14.68 0.77
N LYS B 15 32.74 -15.40 -0.33
CA LYS B 15 32.53 -14.75 -1.63
C LYS B 15 31.33 -13.75 -1.56
N GLU B 16 30.33 -14.06 -0.72
CA GLU B 16 29.14 -13.22 -0.56
C GLU B 16 29.48 -11.90 0.15
N TYR B 17 30.34 -11.99 1.17
CA TYR B 17 30.82 -10.79 1.87
C TYR B 17 31.57 -9.95 0.82
N GLN B 18 32.48 -10.56 0.05
CA GLN B 18 33.26 -9.84 -0.95
C GLN B 18 32.39 -9.12 -2.01
N SER B 19 31.33 -9.79 -2.48
N SER B 19 31.32 -9.78 -2.51
CA SER B 19 30.41 -9.27 -3.48
CA SER B 19 30.44 -9.20 -3.53
C SER B 19 29.70 -8.02 -2.97
C SER B 19 29.68 -7.98 -2.99
N VAL B 20 29.16 -8.07 -1.74
CA VAL B 20 28.44 -6.96 -1.11
C VAL B 20 29.42 -5.80 -0.87
N GLU B 21 30.63 -6.09 -0.36
CA GLU B 21 31.56 -4.97 -0.17
C GLU B 21 31.94 -4.35 -1.53
N GLU B 22 32.15 -5.18 -2.56
CA GLU B 22 32.51 -4.63 -3.88
C GLU B 22 31.38 -3.74 -4.42
N GLU B 23 30.11 -4.14 -4.23
CA GLU B 23 28.99 -3.29 -4.68
C GLU B 23 28.96 -1.97 -3.92
N MET B 24 29.23 -2.01 -2.62
CA MET B 24 29.21 -0.81 -1.80
C MET B 24 30.37 0.12 -2.20
N GLN B 25 31.61 -0.40 -2.30
CA GLN B 25 32.77 0.43 -2.66
C GLN B 25 32.69 1.00 -4.08
N SER B 26 32.23 0.20 -5.03
CA SER B 26 32.22 0.59 -6.43
C SER B 26 31.13 1.56 -6.78
N THR B 27 30.13 1.77 -5.86
CA THR B 27 29.01 2.67 -6.17
C THR B 27 29.10 4.02 -5.42
N ILE B 28 30.29 4.37 -4.94
CA ILE B 28 30.49 5.71 -4.36
C ILE B 28 30.54 6.68 -5.54
N ARG B 29 29.76 7.75 -5.48
CA ARG B 29 29.79 8.75 -6.54
C ARG B 29 29.81 10.14 -5.95
N GLU B 30 30.10 11.13 -6.79
CA GLU B 30 30.04 12.53 -6.38
C GLU B 30 28.58 12.96 -6.33
N HIS B 31 28.22 13.75 -5.32
CA HIS B 31 26.88 14.26 -5.12
C HIS B 31 26.82 15.77 -5.31
N ARG B 32 25.63 16.27 -5.63
CA ARG B 32 25.36 17.71 -5.86
C ARG B 32 25.82 18.54 -4.63
N ASP B 33 25.71 17.97 -3.43
CA ASP B 33 26.08 18.72 -2.22
C ASP B 33 27.56 18.63 -1.86
N GLY B 34 28.37 18.03 -2.76
CA GLY B 34 29.82 17.88 -2.58
C GLY B 34 30.28 17.23 -1.28
N GLY B 35 29.44 16.38 -0.68
CA GLY B 35 29.78 15.71 0.57
C GLY B 35 29.14 16.30 1.80
N ASN B 36 28.34 17.37 1.67
CA ASN B 36 27.78 17.97 2.86
C ASN B 36 26.93 17.04 3.74
N ALA B 37 26.02 16.27 3.12
CA ALA B 37 25.13 15.41 3.90
C ALA B 37 25.82 14.18 4.42
N GLY B 38 26.56 13.50 3.55
CA GLY B 38 27.13 12.20 3.90
C GLY B 38 28.59 12.17 4.30
N GLY B 39 29.30 13.26 4.05
CA GLY B 39 30.71 13.30 4.34
C GLY B 39 31.59 13.23 3.12
N ILE B 40 32.88 13.55 3.31
N ILE B 40 32.87 13.53 3.32
CA ILE B 40 33.85 13.49 2.21
CA ILE B 40 33.88 13.51 2.27
C ILE B 40 34.68 12.23 2.38
C ILE B 40 34.73 12.24 2.38
N PHE B 41 34.72 11.40 1.33
CA PHE B 41 35.44 10.13 1.36
C PHE B 41 35.55 9.53 -0.02
N ASN B 42 36.55 8.66 -0.26
CA ASN B 42 36.69 7.94 -1.52
C ASN B 42 36.46 6.43 -1.39
N ARG B 43 36.42 5.94 -0.13
CA ARG B 43 36.16 4.52 0.15
C ARG B 43 35.57 4.39 1.55
N TYR B 44 35.07 3.17 1.90
CA TYR B 44 34.64 2.88 3.25
C TYR B 44 35.64 1.90 3.89
N ASN B 45 35.61 1.84 5.22
CA ASN B 45 36.23 0.74 5.97
C ASN B 45 35.02 -0.13 6.33
N VAL B 46 34.83 -1.26 5.61
CA VAL B 46 33.69 -2.16 5.95
C VAL B 46 34.13 -3.00 7.15
N ILE B 47 33.35 -2.91 8.25
N ILE B 47 33.39 -2.90 8.25
CA ILE B 47 33.59 -3.49 9.57
CA ILE B 47 33.72 -3.59 9.49
C ILE B 47 32.88 -4.83 9.75
C ILE B 47 32.95 -4.91 9.62
N ARG B 48 31.66 -4.92 9.20
CA ARG B 48 30.86 -6.11 9.37
C ARG B 48 29.78 -6.20 8.31
N ILE B 49 29.44 -7.44 7.94
CA ILE B 49 28.33 -7.66 7.01
C ILE B 49 27.49 -8.77 7.61
N GLN B 50 26.26 -8.46 7.97
CA GLN B 50 25.37 -9.46 8.54
C GLN B 50 24.22 -9.72 7.61
N LYS B 51 23.66 -10.93 7.66
CA LYS B 51 22.47 -11.22 6.88
C LYS B 51 21.28 -11.28 7.83
N VAL B 52 20.16 -10.68 7.42
CA VAL B 52 18.96 -10.64 8.24
C VAL B 52 18.08 -11.83 7.89
N VAL B 53 17.77 -12.66 8.93
CA VAL B 53 16.96 -13.85 8.76
C VAL B 53 15.68 -13.74 9.58
N ASN B 54 14.54 -13.69 8.89
CA ASN B 54 13.25 -13.60 9.56
C ASN B 54 12.26 -14.34 8.64
N LYS B 55 11.83 -15.55 9.07
CA LYS B 55 10.96 -16.42 8.25
C LYS B 55 9.64 -15.74 7.84
N LYS B 56 9.01 -15.06 8.79
CA LYS B 56 7.73 -14.37 8.56
C LYS B 56 7.90 -13.21 7.56
N LEU B 57 8.94 -12.37 7.71
CA LEU B 57 9.17 -11.27 6.79
C LEU B 57 9.49 -11.76 5.41
N ARG B 58 10.28 -12.84 5.35
CA ARG B 58 10.67 -13.41 4.06
C ARG B 58 9.41 -13.96 3.34
N GLU B 59 8.53 -14.64 4.09
CA GLU B 59 7.30 -15.22 3.50
C GLU B 59 6.42 -14.10 2.92
N ARG B 60 6.33 -12.97 3.64
CA ARG B 60 5.51 -11.85 3.17
C ARG B 60 6.11 -11.23 1.90
N PHE B 61 7.44 -11.13 1.88
CA PHE B 61 8.15 -10.63 0.73
C PHE B 61 7.93 -11.54 -0.49
N CYS B 62 8.07 -12.87 -0.31
N CYS B 62 8.08 -12.86 -0.28
CA CYS B 62 7.88 -13.81 -1.42
CA CYS B 62 7.92 -13.88 -1.31
C CYS B 62 6.45 -13.83 -1.92
C CYS B 62 6.49 -13.86 -1.88
N HIS B 63 5.48 -13.77 -0.99
CA HIS B 63 4.06 -13.74 -1.36
C HIS B 63 3.77 -12.51 -2.26
N ARG B 64 4.33 -11.36 -1.87
CA ARG B 64 4.13 -10.15 -2.67
C ARG B 64 4.81 -10.24 -4.03
N GLN B 65 6.03 -10.86 -4.11
CA GLN B 65 6.71 -11.06 -5.38
C GLN B 65 5.85 -11.88 -6.30
N LYS B 66 5.19 -12.93 -5.78
CA LYS B 66 4.31 -13.76 -6.62
C LYS B 66 3.13 -12.96 -7.17
N GLU B 67 2.53 -12.09 -6.34
CA GLU B 67 1.41 -11.23 -6.75
C GLU B 67 1.87 -10.25 -7.83
N VAL B 68 3.05 -9.63 -7.64
CA VAL B 68 3.58 -8.69 -8.61
C VAL B 68 3.89 -9.43 -9.92
N SER B 69 4.50 -10.63 -9.82
N SER B 69 4.49 -10.64 -9.83
CA SER B 69 4.83 -11.47 -10.98
CA SER B 69 4.81 -11.47 -11.01
C SER B 69 3.57 -11.73 -11.84
C SER B 69 3.57 -11.75 -11.86
N GLU B 70 2.46 -12.13 -11.19
CA GLU B 70 1.17 -12.45 -11.84
C GLU B 70 0.52 -11.24 -12.52
N GLU B 71 0.79 -10.04 -12.00
CA GLU B 71 0.31 -8.77 -12.52
C GLU B 71 1.29 -8.20 -13.55
N ASN B 72 2.50 -8.77 -13.68
CA ASN B 72 3.53 -8.20 -14.55
C ASN B 72 4.21 -9.19 -15.54
N HIS B 73 3.42 -9.95 -16.32
CA HIS B 73 3.94 -10.88 -17.35
C HIS B 73 5.03 -11.84 -16.81
N ASN B 74 4.79 -12.31 -15.59
N ASN B 74 4.80 -12.35 -15.59
CA ASN B 74 5.60 -13.26 -14.82
CA ASN B 74 5.64 -13.31 -14.85
C ASN B 74 7.01 -12.75 -14.50
C ASN B 74 7.03 -12.75 -14.46
N HIS B 75 7.15 -11.42 -14.32
CA HIS B 75 8.42 -10.78 -13.95
C HIS B 75 8.25 -9.97 -12.66
N HIS B 76 9.01 -10.29 -11.61
CA HIS B 76 8.88 -9.47 -10.41
C HIS B 76 9.88 -8.31 -10.43
N ASN B 77 10.88 -8.36 -11.34
CA ASN B 77 11.91 -7.33 -11.56
C ASN B 77 12.55 -6.92 -10.21
N GLU B 78 13.24 -7.86 -9.60
CA GLU B 78 13.93 -7.58 -8.34
C GLU B 78 15.26 -6.89 -8.62
N ARG B 79 15.61 -5.86 -7.81
CA ARG B 79 16.93 -5.22 -7.90
C ARG B 79 17.51 -5.15 -6.51
N MET B 80 18.86 -5.16 -6.44
CA MET B 80 19.53 -5.00 -5.16
C MET B 80 19.85 -3.50 -5.05
N LEU B 81 19.35 -2.88 -3.98
CA LEU B 81 19.48 -1.41 -3.79
C LEU B 81 19.84 -1.10 -2.34
N PHE B 82 20.47 0.08 -2.13
CA PHE B 82 20.85 0.50 -0.78
C PHE B 82 19.73 1.31 -0.09
N HIS B 83 19.75 1.30 1.26
CA HIS B 83 18.83 2.11 2.03
C HIS B 83 19.51 2.52 3.31
N GLY B 84 19.57 3.83 3.55
CA GLY B 84 20.08 4.41 4.78
C GLY B 84 18.93 4.97 5.61
N SER B 85 18.96 4.81 6.94
CA SER B 85 17.88 5.29 7.77
C SER B 85 18.25 5.32 9.24
N PRO B 86 17.77 6.33 9.98
CA PRO B 86 17.94 6.33 11.45
C PRO B 86 17.11 5.21 12.12
N PHE B 87 16.18 4.59 11.36
CA PHE B 87 15.27 3.55 11.87
C PHE B 87 15.64 2.14 11.43
N ILE B 88 16.94 1.91 11.23
CA ILE B 88 17.42 0.61 10.78
C ILE B 88 17.04 -0.51 11.80
N ASN B 89 17.05 -0.25 13.13
CA ASN B 89 16.64 -1.31 14.07
C ASN B 89 15.18 -1.73 13.92
N ALA B 90 14.29 -0.75 13.69
CA ALA B 90 12.87 -1.08 13.48
C ALA B 90 12.71 -1.90 12.15
N ILE B 91 13.45 -1.50 11.10
CA ILE B 91 13.32 -2.19 9.79
C ILE B 91 13.75 -3.65 9.90
N ILE B 92 14.90 -3.92 10.53
CA ILE B 92 15.37 -5.31 10.55
C ILE B 92 14.54 -6.21 11.44
N HIS B 93 13.79 -5.65 12.40
CA HIS B 93 12.94 -6.43 13.30
C HIS B 93 11.50 -6.52 12.87
N LYS B 94 10.93 -5.45 12.25
CA LYS B 94 9.51 -5.44 11.83
C LYS B 94 9.29 -5.34 10.32
N GLY B 95 10.37 -5.16 9.55
CA GLY B 95 10.31 -4.98 8.11
C GLY B 95 10.08 -3.53 7.78
N PHE B 96 10.23 -3.18 6.49
CA PHE B 96 9.91 -1.85 6.01
C PHE B 96 8.40 -1.64 6.19
N ASP B 97 8.02 -0.41 6.51
CA ASP B 97 6.60 -0.11 6.73
C ASP B 97 6.30 1.28 6.21
N GLU B 98 5.47 1.32 5.15
CA GLU B 98 5.04 2.56 4.53
C GLU B 98 4.21 3.45 5.44
N ARG B 99 3.62 2.88 6.54
CA ARG B 99 2.82 3.69 7.46
C ARG B 99 3.71 4.58 8.33
N HIS B 100 5.02 4.21 8.49
CA HIS B 100 5.99 4.85 9.40
C HIS B 100 5.91 6.34 9.35
N ALA B 101 5.88 6.99 10.55
CA ALA B 101 5.79 8.45 10.70
C ALA B 101 6.86 9.22 9.89
N TYR B 102 7.98 8.57 9.61
CA TYR B 102 9.10 9.17 8.87
C TYR B 102 8.91 9.19 7.37
N ILE B 103 8.05 8.30 6.84
CA ILE B 103 7.87 8.12 5.41
C ILE B 103 7.40 9.41 4.69
N GLY B 104 8.02 9.69 3.54
CA GLY B 104 7.71 10.84 2.67
C GLY B 104 8.86 11.04 1.70
N GLY B 105 8.81 12.09 0.92
CA GLY B 105 9.88 12.38 -0.02
C GLY B 105 9.38 13.06 -1.27
N MET B 106 10.31 13.28 -2.24
CA MET B 106 10.06 14.03 -3.49
C MET B 106 8.99 13.38 -4.37
N PHE B 107 8.84 12.06 -4.25
CA PHE B 107 7.89 11.27 -5.05
C PHE B 107 6.78 10.61 -4.24
N GLY B 108 6.50 11.16 -3.08
CA GLY B 108 5.37 10.69 -2.28
C GLY B 108 5.71 9.78 -1.13
N ALA B 109 4.64 9.22 -0.54
CA ALA B 109 4.67 8.44 0.68
C ALA B 109 5.12 7.00 0.49
N GLY B 110 6.37 6.86 0.05
CA GLY B 110 6.92 5.54 -0.16
C GLY B 110 8.25 5.37 0.57
N ILE B 111 8.92 4.25 0.28
CA ILE B 111 10.22 3.92 0.91
C ILE B 111 11.20 4.02 -0.23
N TYR B 112 12.29 4.77 -0.01
CA TYR B 112 13.24 5.16 -1.04
C TYR B 112 14.54 4.37 -1.00
N PHE B 113 15.06 4.00 -2.18
CA PHE B 113 16.28 3.22 -2.34
C PHE B 113 17.14 3.81 -3.41
N ALA B 114 18.46 3.53 -3.30
CA ALA B 114 19.42 4.07 -4.25
C ALA B 114 20.29 2.98 -4.85
N GLU B 115 20.72 3.18 -6.12
CA GLU B 115 21.72 2.26 -6.70
C GLU B 115 23.11 2.52 -6.07
N ASN B 116 23.38 3.76 -5.67
CA ASN B 116 24.67 4.15 -5.13
C ASN B 116 24.71 4.13 -3.61
N SER B 117 25.68 3.43 -3.04
CA SER B 117 25.79 3.39 -1.58
C SER B 117 26.02 4.79 -1.01
N SER B 118 26.77 5.66 -1.74
CA SER B 118 27.04 7.00 -1.24
C SER B 118 25.75 7.85 -1.17
N LYS B 119 24.72 7.53 -1.97
CA LYS B 119 23.46 8.24 -1.83
C LYS B 119 22.78 7.81 -0.53
N SER B 120 22.69 6.49 -0.28
CA SER B 120 22.06 6.06 0.97
C SER B 120 22.85 6.51 2.19
N ASN B 121 24.18 6.68 2.04
CA ASN B 121 25.00 7.14 3.15
C ASN B 121 24.57 8.57 3.59
N GLN B 122 23.96 9.36 2.69
CA GLN B 122 23.48 10.71 3.05
C GLN B 122 22.26 10.70 4.00
N TYR B 123 21.62 9.53 4.18
CA TYR B 123 20.38 9.39 4.97
C TYR B 123 20.55 8.64 6.26
N VAL B 124 21.75 8.10 6.51
CA VAL B 124 22.02 7.32 7.71
C VAL B 124 21.74 8.11 9.00
N TYR B 125 22.16 9.39 9.04
CA TYR B 125 21.96 10.24 10.22
C TYR B 125 20.74 11.15 10.13
N GLY B 126 19.91 10.93 9.11
CA GLY B 126 18.69 11.70 8.90
C GLY B 126 18.68 12.35 7.54
N ILE B 127 17.61 13.15 7.23
CA ILE B 127 17.56 13.85 5.93
C ILE B 127 18.67 14.90 5.89
N GLY B 128 19.41 14.94 4.78
CA GLY B 128 20.54 15.83 4.61
C GLY B 128 21.66 15.56 5.60
N GLY B 129 21.69 14.31 6.11
CA GLY B 129 22.69 13.92 7.10
C GLY B 129 22.29 14.33 8.51
N GLY B 130 21.12 14.98 8.66
CA GLY B 130 20.64 15.44 9.97
C GLY B 130 21.68 16.36 10.60
N THR B 131 22.06 16.08 11.88
CA THR B 131 23.10 16.82 12.60
C THR B 131 24.37 15.97 12.64
N GLY B 132 24.41 14.90 11.85
CA GLY B 132 25.59 14.04 11.81
C GLY B 132 25.57 13.01 12.92
N CYS B 133 26.75 12.49 13.26
CA CYS B 133 26.83 11.42 14.24
C CYS B 133 26.34 11.90 15.61
N PRO B 134 25.71 11.01 16.40
CA PRO B 134 25.26 11.42 17.74
C PRO B 134 26.37 11.98 18.64
N THR B 135 27.57 11.35 18.63
CA THR B 135 28.67 11.73 19.53
C THR B 135 29.36 13.06 19.19
N HIS B 136 29.65 13.29 17.90
CA HIS B 136 30.44 14.46 17.51
C HIS B 136 29.67 15.53 16.71
N LYS B 137 28.41 15.24 16.34
CA LYS B 137 27.59 16.16 15.53
C LYS B 137 28.29 16.50 14.23
N ASP B 138 28.89 15.45 13.63
CA ASP B 138 29.69 15.61 12.45
C ASP B 138 29.17 14.71 11.33
N ARG B 139 28.64 15.34 10.29
CA ARG B 139 28.13 14.56 9.13
C ARG B 139 29.26 13.85 8.35
N SER B 140 30.51 14.32 8.50
CA SER B 140 31.66 13.67 7.86
C SER B 140 32.50 12.90 8.90
N CYS B 141 31.87 12.45 9.99
CA CYS B 141 32.61 11.74 11.05
C CYS B 141 33.35 10.53 10.49
N TYR B 142 34.66 10.43 10.77
CA TYR B 142 35.51 9.32 10.36
C TYR B 142 35.68 8.32 11.53
N ILE B 143 35.12 8.67 12.68
CA ILE B 143 35.28 7.83 13.86
C ILE B 143 34.13 6.86 14.03
N CYS B 144 32.90 7.39 14.11
CA CYS B 144 31.74 6.58 14.42
C CYS B 144 31.37 5.60 13.34
N HIS B 145 30.99 4.41 13.79
CA HIS B 145 30.57 3.36 12.89
C HIS B 145 29.12 3.58 12.47
N ARG B 146 28.89 3.53 11.16
CA ARG B 146 27.58 3.71 10.55
C ARG B 146 27.02 2.37 10.13
N GLN B 147 25.71 2.31 9.84
CA GLN B 147 25.12 1.12 9.25
C GLN B 147 24.22 1.51 8.09
N MET B 148 24.13 0.64 7.09
CA MET B 148 23.16 0.80 6.00
C MET B 148 22.72 -0.55 5.57
N LEU B 149 21.60 -0.58 4.83
CA LEU B 149 21.08 -1.85 4.37
C LEU B 149 21.32 -2.00 2.87
N PHE B 150 21.53 -3.26 2.41
CA PHE B 150 21.59 -3.58 0.99
C PHE B 150 20.45 -4.58 0.84
N CYS B 151 19.41 -4.17 0.10
CA CYS B 151 18.12 -4.83 0.07
C CYS B 151 17.71 -5.45 -1.21
N ARG B 152 16.87 -6.52 -1.13
CA ARG B 152 16.20 -7.01 -2.34
C ARG B 152 14.97 -6.12 -2.47
N VAL B 153 14.76 -5.54 -3.64
CA VAL B 153 13.61 -4.66 -3.86
C VAL B 153 12.80 -5.16 -5.06
N THR B 154 11.52 -5.48 -4.86
CA THR B 154 10.62 -5.96 -5.91
C THR B 154 10.05 -4.70 -6.59
N LEU B 155 10.51 -4.42 -7.81
CA LEU B 155 10.07 -3.21 -8.53
C LEU B 155 8.86 -3.46 -9.44
N GLY B 156 8.67 -4.72 -9.88
CA GLY B 156 7.59 -5.01 -10.82
C GLY B 156 7.64 -4.07 -12.01
N LYS B 157 6.48 -3.52 -12.42
CA LYS B 157 6.47 -2.56 -13.52
C LYS B 157 6.70 -1.16 -12.95
N SER B 158 7.85 -0.53 -13.24
CA SER B 158 8.11 0.80 -12.70
C SER B 158 7.50 1.89 -13.56
N PHE B 159 7.06 2.96 -12.89
CA PHE B 159 6.55 4.14 -13.55
C PHE B 159 7.64 5.20 -13.45
N LEU B 160 8.05 5.76 -14.60
CA LEU B 160 9.09 6.79 -14.58
C LEU B 160 8.49 8.17 -14.41
N GLN B 161 8.83 8.82 -13.29
CA GLN B 161 8.29 10.15 -12.93
C GLN B 161 9.41 11.17 -13.03
N PHE B 162 9.11 12.37 -13.57
CA PHE B 162 10.14 13.38 -13.85
C PHE B 162 9.89 14.75 -13.21
N SER B 163 9.14 14.77 -12.10
CA SER B 163 8.95 15.99 -11.33
C SER B 163 8.50 15.60 -9.91
N THR B 164 8.66 16.51 -8.94
CA THR B 164 8.17 16.21 -7.60
C THR B 164 6.64 16.12 -7.61
N MET B 165 6.14 15.17 -6.83
CA MET B 165 4.70 15.01 -6.72
C MET B 165 4.34 14.22 -5.50
N LYS B 166 3.16 14.44 -4.98
CA LYS B 166 2.61 13.71 -3.84
C LYS B 166 1.96 12.48 -4.45
N MET B 167 2.24 11.34 -3.88
CA MET B 167 1.73 10.06 -4.35
C MET B 167 1.55 9.15 -3.17
N ALA B 168 0.43 8.43 -3.12
CA ALA B 168 0.22 7.48 -2.03
C ALA B 168 0.61 6.07 -2.41
N HIS B 169 0.38 5.68 -3.68
CA HIS B 169 0.56 4.32 -4.16
C HIS B 169 1.18 4.46 -5.55
N ALA B 170 1.73 3.38 -6.07
CA ALA B 170 2.25 3.41 -7.44
C ALA B 170 1.04 3.64 -8.36
N PRO B 171 1.26 4.23 -9.55
CA PRO B 171 0.14 4.43 -10.48
C PRO B 171 -0.54 3.11 -10.87
N PRO B 172 -1.82 3.13 -11.32
CA PRO B 172 -2.46 1.86 -11.75
C PRO B 172 -1.58 1.08 -12.73
N GLY B 173 -1.55 -0.25 -12.59
CA GLY B 173 -0.78 -1.16 -13.44
C GLY B 173 0.72 -1.18 -13.16
N HIS B 174 1.15 -0.43 -12.15
CA HIS B 174 2.55 -0.31 -11.80
C HIS B 174 2.80 -0.71 -10.34
N HIS B 175 4.07 -0.95 -10.00
CA HIS B 175 4.45 -1.45 -8.68
C HIS B 175 5.53 -0.63 -7.98
N SER B 176 6.11 0.35 -8.68
CA SER B 176 7.16 1.17 -8.10
C SER B 176 7.26 2.43 -8.97
N VAL B 177 7.98 3.42 -8.46
CA VAL B 177 8.26 4.64 -9.18
C VAL B 177 9.76 4.79 -9.22
N ILE B 178 10.28 5.15 -10.39
CA ILE B 178 11.65 5.55 -10.58
C ILE B 178 11.53 7.05 -10.80
N GLY B 179 11.94 7.82 -9.80
CA GLY B 179 11.76 9.25 -9.84
C GLY B 179 13.01 10.05 -10.10
N ARG B 180 12.87 11.10 -10.93
CA ARG B 180 13.93 12.08 -11.21
C ARG B 180 13.31 13.46 -10.97
N PRO B 181 14.10 14.47 -10.57
CA PRO B 181 13.50 15.78 -10.21
C PRO B 181 13.19 16.68 -11.39
N SER B 182 13.60 16.27 -12.60
CA SER B 182 13.36 17.07 -13.80
C SER B 182 13.38 16.17 -15.03
N VAL B 183 12.99 16.74 -16.16
CA VAL B 183 12.99 16.00 -17.43
C VAL B 183 14.37 16.35 -18.11
N ASN B 184 15.30 16.98 -17.34
CA ASN B 184 16.65 17.46 -17.70
C ASN B 184 17.69 16.38 -17.45
N ALA B 187 19.53 12.50 -15.22
CA ALA B 187 19.45 12.76 -13.79
C ALA B 187 19.56 11.46 -12.99
N TYR B 188 20.07 11.53 -11.73
CA TYR B 188 20.20 10.35 -10.88
C TYR B 188 18.85 9.95 -10.29
N ALA B 189 18.48 8.68 -10.43
CA ALA B 189 17.14 8.23 -10.03
C ALA B 189 17.02 7.75 -8.60
N GLU B 190 15.83 7.89 -8.04
CA GLU B 190 15.44 7.38 -6.72
C GLU B 190 14.37 6.30 -6.98
N TYR B 191 14.53 5.13 -6.34
CA TYR B 191 13.62 4.00 -6.51
C TYR B 191 12.68 3.99 -5.35
N VAL B 192 11.39 4.05 -5.65
CA VAL B 192 10.37 4.15 -4.61
C VAL B 192 9.33 3.05 -4.70
N ILE B 193 9.09 2.40 -3.54
CA ILE B 193 8.02 1.42 -3.38
C ILE B 193 7.02 1.95 -2.37
N TYR B 194 5.76 1.57 -2.51
CA TYR B 194 4.72 2.11 -1.61
C TYR B 194 4.11 1.06 -0.70
N ARG B 195 4.75 -0.11 -0.63
CA ARG B 195 4.37 -1.25 0.21
C ARG B 195 5.66 -1.77 0.81
N GLY B 196 5.72 -1.85 2.14
CA GLY B 196 6.93 -2.31 2.81
C GLY B 196 7.34 -3.72 2.39
N GLU B 197 6.36 -4.58 2.04
CA GLU B 197 6.66 -5.98 1.72
C GLU B 197 7.32 -6.16 0.32
N GLN B 198 7.56 -5.03 -0.39
CA GLN B 198 8.29 -5.04 -1.66
C GLN B 198 9.78 -4.83 -1.45
N ALA B 199 10.26 -4.86 -0.19
CA ALA B 199 11.71 -4.82 0.03
C ALA B 199 12.02 -5.76 1.19
N TYR B 200 13.15 -6.45 1.08
CA TYR B 200 13.62 -7.30 2.16
C TYR B 200 15.00 -6.80 2.56
N PRO B 201 15.23 -6.52 3.86
CA PRO B 201 16.54 -5.97 4.30
C PRO B 201 17.62 -7.09 4.41
N GLU B 202 18.11 -7.54 3.29
CA GLU B 202 18.97 -8.72 3.13
C GLU B 202 20.27 -8.62 3.90
N TYR B 203 20.95 -7.50 3.73
CA TYR B 203 22.24 -7.31 4.36
C TYR B 203 22.28 -6.08 5.22
N LEU B 204 22.90 -6.20 6.38
CA LEU B 204 23.10 -5.10 7.31
C LEU B 204 24.61 -4.89 7.33
N ILE B 205 25.03 -3.72 6.83
CA ILE B 205 26.46 -3.41 6.72
C ILE B 205 26.88 -2.40 7.79
N THR B 206 27.97 -2.67 8.53
CA THR B 206 28.54 -1.75 9.50
C THR B 206 29.85 -1.24 8.88
N TYR B 207 30.06 0.08 8.87
CA TYR B 207 31.23 0.62 8.17
C TYR B 207 31.57 1.99 8.68
N GLN B 208 32.74 2.49 8.27
CA GLN B 208 33.09 3.90 8.44
C GLN B 208 33.33 4.49 7.06
N ILE B 209 33.11 5.81 6.89
CA ILE B 209 33.63 6.48 5.71
C ILE B 209 35.12 6.72 6.05
N MET B 210 35.98 6.67 5.04
CA MET B 210 37.42 6.94 5.23
C MET B 210 37.79 8.24 4.56
N LYS B 211 38.62 9.04 5.23
CA LYS B 211 39.01 10.32 4.62
C LYS B 211 39.81 10.12 3.33
N PRO B 212 39.76 11.10 2.42
CA PRO B 212 40.58 11.02 1.20
C PRO B 212 42.05 10.95 1.56
N GLU B 213 42.84 10.23 0.75
CA GLU B 213 44.27 10.09 0.99
C GLU B 213 45.05 9.95 -0.31
#